data_4FIK
#
_entry.id   4FIK
#
_cell.length_a   42.370
_cell.length_b   41.380
_cell.length_c   72.060
_cell.angle_alpha   90.00
_cell.angle_beta   104.10
_cell.angle_gamma   90.00
#
_symmetry.space_group_name_H-M   'P 1 21 1'
#
loop_
_entity.id
_entity.type
_entity.pdbx_description
1 polymer 'Carbonic anhydrase 2'
2 non-polymer 'ZINC ION'
3 non-polymer '2,4-dihydroxybenzenesulfenic acid'
4 non-polymer 4-MERCAPTOBENZENE-1,3-DIOL
5 non-polymer "4,4'-disulfanediyldibenzene-1,3-diol"
6 non-polymer GLYCEROL
7 non-polymer 'SULFATE ION'
8 water water
#
_entity_poly.entity_id   1
_entity_poly.type   'polypeptide(L)'
_entity_poly.pdbx_seq_one_letter_code
;MSHHWGYGKHNGPEHWHKDFPIAKGERQSPVDIDTHTAKYDPSLKPLSVSYDQATSLRILNNGAAFNVEFDDSQDKAVLK
GGPLDGTYRLIQFHFHWGSLDGQGSEHTVDKKKYAAELHLVHWNTKYGDFGKAVQQPDGLAVLGIFLKVGSAKPGLQKVV
DVLDSIKTKGKSADFTNFDPRGLLPESLDYWTYPGSLTTPPLLECVTWIVLKEPISVSSEQVLKFRKLNFNGEGEPEELM
VDNWRPAQPLKNRQIKASFK
;
_entity_poly.pdbx_strand_id   A
#
# COMPACT_ATOMS: atom_id res chain seq x y z
N HIS A 4 -10.52 5.89 17.17
CA HIS A 4 -11.55 4.89 16.92
C HIS A 4 -12.05 4.97 15.47
N TRP A 5 -11.15 5.34 14.57
CA TRP A 5 -11.48 5.39 13.16
C TRP A 5 -11.55 3.99 12.61
N GLY A 6 -12.28 3.82 11.51
CA GLY A 6 -12.36 2.53 10.85
C GLY A 6 -12.93 2.67 9.45
N TYR A 7 -13.62 1.62 9.01
CA TYR A 7 -14.18 1.57 7.67
C TYR A 7 -15.69 1.29 7.66
N GLY A 8 -16.34 1.36 8.82
CA GLY A 8 -17.79 1.20 8.90
C GLY A 8 -18.52 2.51 8.61
N LYS A 9 -19.84 2.48 8.50
CA LYS A 9 -20.61 3.69 8.26
C LYS A 9 -20.40 4.72 9.36
N HIS A 10 -20.19 4.25 10.58
CA HIS A 10 -20.16 5.16 11.70
C HIS A 10 -18.79 5.76 11.97
N ASN A 11 -17.74 5.18 11.40
CA ASN A 11 -16.39 5.66 11.68
C ASN A 11 -15.47 5.65 10.45
N GLY A 12 -16.08 5.56 9.26
CA GLY A 12 -15.34 5.38 8.01
C GLY A 12 -14.81 6.67 7.42
N PRO A 13 -14.33 6.59 6.19
CA PRO A 13 -13.65 7.71 5.52
C PRO A 13 -14.35 9.05 5.57
N GLU A 14 -15.68 9.06 5.57
CA GLU A 14 -16.41 10.34 5.59
C GLU A 14 -16.34 11.04 6.94
N HIS A 15 -15.94 10.30 7.97
CA HIS A 15 -15.80 10.84 9.32
C HIS A 15 -14.39 11.23 9.70
N TRP A 16 -13.38 10.74 8.99
CA TRP A 16 -12.02 10.88 9.44
C TRP A 16 -11.59 12.33 9.62
N HIS A 17 -12.15 13.23 8.80
CA HIS A 17 -11.70 14.64 8.85
C HIS A 17 -11.96 15.29 10.22
N LYS A 18 -12.88 14.76 11.03
CA LYS A 18 -13.16 15.39 12.32
C LYS A 18 -11.98 15.22 13.29
N ASP A 19 -11.32 14.07 13.28
CA ASP A 19 -10.13 13.89 14.11
C ASP A 19 -8.84 14.22 13.37
N PHE A 20 -8.87 14.17 12.04
CA PHE A 20 -7.68 14.37 11.20
C PHE A 20 -8.02 15.37 10.11
N PRO A 21 -7.98 16.67 10.45
CA PRO A 21 -8.45 17.67 9.49
C PRO A 21 -7.65 17.67 8.17
N ILE A 22 -6.44 17.14 8.18
CA ILE A 22 -5.65 17.02 6.95
CA ILE A 22 -5.64 17.02 6.96
C ILE A 22 -6.35 16.14 5.91
N ALA A 23 -7.38 15.41 6.34
CA ALA A 23 -8.18 14.64 5.41
C ALA A 23 -8.73 15.46 4.25
N LYS A 24 -8.87 16.77 4.47
CA LYS A 24 -9.36 17.71 3.44
C LYS A 24 -8.24 18.58 2.89
N GLY A 25 -7.01 18.09 3.03
CA GLY A 25 -5.81 18.80 2.64
C GLY A 25 -5.57 18.87 1.15
N GLU A 26 -4.42 19.42 0.79
CA GLU A 26 -4.09 19.72 -0.59
C GLU A 26 -3.40 18.58 -1.32
N ARG A 27 -2.97 17.54 -0.62
CA ARG A 27 -2.25 16.44 -1.27
C ARG A 27 -2.68 15.09 -0.70
N GLN A 28 -3.98 14.87 -0.68
CA GLN A 28 -4.52 13.62 -0.15
C GLN A 28 -4.55 12.49 -1.17
N SER A 29 -4.47 11.28 -0.64
CA SER A 29 -4.48 10.04 -1.41
C SER A 29 -5.57 9.11 -0.90
N PRO A 30 -6.03 8.18 -1.75
CA PRO A 30 -5.64 7.97 -3.14
C PRO A 30 -6.31 8.96 -4.07
N VAL A 31 -5.98 8.86 -5.35
CA VAL A 31 -6.60 9.63 -6.41
C VAL A 31 -6.93 8.71 -7.57
N ASP A 32 -7.83 9.18 -8.42
CA ASP A 32 -8.02 8.58 -9.72
C ASP A 32 -6.90 9.00 -10.65
N ILE A 33 -6.34 8.02 -11.35
CA ILE A 33 -5.28 8.27 -12.34
C ILE A 33 -5.95 8.31 -13.70
N ASP A 34 -6.08 9.50 -14.26
CA ASP A 34 -6.64 9.71 -15.58
CA ASP A 34 -6.64 9.69 -15.60
C ASP A 34 -5.47 9.52 -16.55
N THR A 35 -5.47 8.39 -17.26
CA THR A 35 -4.34 8.03 -18.10
C THR A 35 -4.19 8.98 -19.26
N HIS A 36 -5.27 9.66 -19.62
CA HIS A 36 -5.26 10.59 -20.75
C HIS A 36 -4.86 12.03 -20.37
N THR A 37 -4.64 12.29 -19.10
CA THR A 37 -4.07 13.57 -18.71
C THR A 37 -2.73 13.43 -17.98
N ALA A 38 -2.36 12.23 -17.55
CA ALA A 38 -1.02 12.04 -17.00
C ALA A 38 -0.02 12.30 -18.12
N LYS A 39 1.09 12.92 -17.84
CA LYS A 39 2.03 13.16 -18.92
C LYS A 39 3.33 12.40 -18.75
N TYR A 40 3.80 11.84 -19.85
CA TYR A 40 5.11 11.23 -19.90
C TYR A 40 6.19 12.26 -19.56
N ASP A 41 7.06 11.89 -18.64
CA ASP A 41 8.17 12.75 -18.22
C ASP A 41 9.50 12.10 -18.56
N PRO A 42 10.15 12.57 -19.64
CA PRO A 42 11.46 11.98 -19.98
C PRO A 42 12.55 12.28 -18.95
N SER A 43 12.29 13.18 -18.01
CA SER A 43 13.29 13.50 -16.99
C SER A 43 13.40 12.41 -15.91
N LEU A 44 12.35 11.62 -15.73
CA LEU A 44 12.39 10.59 -14.71
C LEU A 44 13.53 9.62 -14.99
N LYS A 45 14.27 9.23 -13.95
CA LYS A 45 15.35 8.26 -14.11
C LYS A 45 14.79 6.86 -13.94
N PRO A 46 15.54 5.83 -14.37
CA PRO A 46 14.97 4.48 -14.21
C PRO A 46 14.69 4.13 -12.73
N LEU A 47 13.60 3.42 -12.46
CA LEU A 47 13.29 2.96 -11.10
C LEU A 47 14.15 1.73 -10.78
N SER A 48 14.67 1.70 -9.57
CA SER A 48 15.51 0.61 -9.08
C SER A 48 14.91 0.03 -7.81
N VAL A 49 14.42 -1.20 -7.90
CA VAL A 49 13.90 -1.95 -6.76
C VAL A 49 14.97 -2.98 -6.39
N SER A 50 15.59 -2.83 -5.23
CA SER A 50 16.72 -3.67 -4.83
C SER A 50 16.36 -4.39 -3.55
N TYR A 51 15.73 -5.57 -3.70
CA TYR A 51 15.19 -6.29 -2.57
C TYR A 51 15.93 -7.59 -2.23
N ASP A 52 17.06 -7.83 -2.88
CA ASP A 52 17.77 -9.09 -2.69
C ASP A 52 18.18 -9.46 -1.24
N GLN A 53 18.42 -8.48 -0.38
CA GLN A 53 18.83 -8.71 0.99
CA GLN A 53 18.81 -8.77 1.00
C GLN A 53 17.70 -8.46 2.00
N ALA A 54 16.45 -8.41 1.53
CA ALA A 54 15.35 -8.10 2.44
C ALA A 54 15.27 -9.12 3.56
N THR A 55 14.99 -8.63 4.75
CA THR A 55 14.81 -9.44 5.93
C THR A 55 13.44 -9.17 6.56
N SER A 56 12.48 -10.01 6.22
CA SER A 56 11.17 -9.93 6.86
C SER A 56 11.27 -10.50 8.30
N LEU A 57 10.43 -9.97 9.16
CA LEU A 57 10.44 -10.36 10.57
C LEU A 57 9.13 -10.98 11.05
N ARG A 58 8.04 -10.25 10.85
CA ARG A 58 6.77 -10.58 11.50
C ARG A 58 5.63 -10.13 10.61
N ILE A 59 4.45 -10.69 10.86
CA ILE A 59 3.20 -10.25 10.25
C ILE A 59 2.20 -9.93 11.37
N LEU A 60 1.51 -8.80 11.25
CA LEU A 60 0.69 -8.26 12.32
C LEU A 60 -0.68 -7.84 11.78
N ASN A 61 -1.77 -8.26 12.42
CA ASN A 61 -3.10 -7.72 12.16
C ASN A 61 -3.28 -6.52 13.07
N ASN A 62 -3.32 -5.32 12.48
CA ASN A 62 -3.42 -4.09 13.27
C ASN A 62 -4.85 -3.55 13.36
N GLY A 63 -5.83 -4.35 12.94
CA GLY A 63 -7.22 -3.93 12.99
C GLY A 63 -7.71 -3.16 11.79
N ALA A 64 -6.79 -2.75 10.91
CA ALA A 64 -7.12 -2.03 9.67
C ALA A 64 -6.66 -2.79 8.43
N ALA A 65 -5.58 -3.53 8.57
CA ALA A 65 -5.02 -4.38 7.52
C ALA A 65 -4.06 -5.36 8.22
N PHE A 66 -3.23 -6.06 7.47
CA PHE A 66 -2.10 -6.75 8.07
C PHE A 66 -0.81 -6.21 7.45
N ASN A 67 0.21 -6.05 8.30
CA ASN A 67 1.51 -5.57 7.86
C ASN A 67 2.55 -6.67 7.96
N VAL A 68 3.29 -6.89 6.88
CA VAL A 68 4.52 -7.68 6.90
C VAL A 68 5.65 -6.69 7.16
N GLU A 69 6.38 -6.93 8.25
CA GLU A 69 7.31 -5.99 8.83
C GLU A 69 8.73 -6.45 8.59
N PHE A 70 9.61 -5.51 8.21
CA PHE A 70 10.98 -5.80 7.85
C PHE A 70 11.99 -5.17 8.80
N ASP A 71 13.18 -5.74 8.83
CA ASP A 71 14.34 -5.15 9.50
C ASP A 71 14.82 -4.01 8.60
N ASP A 72 14.72 -2.79 9.09
CA ASP A 72 15.14 -1.60 8.34
C ASP A 72 16.29 -0.90 9.05
N SER A 73 17.10 -1.65 9.80
CA SER A 73 18.25 -1.08 10.50
C SER A 73 19.50 -0.91 9.62
N GLN A 74 19.42 -1.40 8.38
CA GLN A 74 20.48 -1.26 7.37
C GLN A 74 19.83 -1.19 5.98
N ASP A 75 20.57 -0.78 4.94
CA ASP A 75 20.03 -0.71 3.55
C ASP A 75 19.90 -2.11 2.92
N LYS A 76 19.04 -2.94 3.48
CA LYS A 76 18.86 -4.33 3.01
C LYS A 76 17.90 -4.51 1.81
N ALA A 77 16.92 -3.63 1.74
CA ALA A 77 15.89 -3.64 0.69
C ALA A 77 15.54 -2.20 0.50
N VAL A 78 15.86 -1.68 -0.67
CA VAL A 78 15.70 -0.26 -0.93
C VAL A 78 15.09 -0.01 -2.30
N LEU A 79 14.48 1.16 -2.40
CA LEU A 79 13.93 1.70 -3.61
C LEU A 79 14.70 3.00 -3.93
N LYS A 80 15.12 3.15 -5.18
CA LYS A 80 15.84 4.34 -5.63
C LYS A 80 15.39 4.66 -7.06
N GLY A 81 15.81 5.80 -7.55
CA GLY A 81 15.56 6.15 -8.94
C GLY A 81 14.14 6.64 -9.18
N GLY A 82 13.67 6.59 -10.41
CA GLY A 82 12.39 7.19 -10.73
C GLY A 82 12.38 8.66 -10.34
N PRO A 83 11.32 9.07 -9.63
CA PRO A 83 11.21 10.47 -9.17
C PRO A 83 12.03 10.75 -7.91
N LEU A 84 12.63 9.71 -7.32
CA LEU A 84 13.22 9.82 -5.98
C LEU A 84 14.64 10.34 -5.98
N ASP A 85 14.92 11.17 -4.98
CA ASP A 85 16.28 11.59 -4.71
CA ASP A 85 16.25 11.64 -4.69
C ASP A 85 16.72 10.83 -3.47
N GLY A 86 17.83 10.12 -3.60
CA GLY A 86 18.39 9.37 -2.50
C GLY A 86 17.81 7.97 -2.36
N THR A 87 17.88 7.43 -1.15
CA THR A 87 17.63 6.02 -0.90
C THR A 87 16.48 5.89 0.06
N TYR A 88 15.52 5.03 -0.29
CA TYR A 88 14.37 4.80 0.55
C TYR A 88 14.34 3.33 0.98
N ARG A 89 14.27 3.08 2.27
CA ARG A 89 14.37 1.73 2.84
C ARG A 89 13.01 1.12 3.08
N LEU A 90 12.83 -0.13 2.64
CA LEU A 90 11.59 -0.87 2.90
C LEU A 90 11.43 -1.14 4.39
N ILE A 91 10.27 -0.78 4.92
CA ILE A 91 9.94 -1.07 6.33
C ILE A 91 8.76 -2.06 6.46
N GLN A 92 7.76 -1.97 5.59
CA GLN A 92 6.60 -2.87 5.69
C GLN A 92 5.84 -2.88 4.38
N PHE A 93 5.04 -3.93 4.18
CA PHE A 93 3.99 -3.85 3.18
C PHE A 93 2.66 -4.31 3.76
N HIS A 94 1.59 -3.86 3.11
CA HIS A 94 0.23 -4.23 3.44
C HIS A 94 -0.62 -4.12 2.19
N PHE A 95 -1.86 -4.55 2.29
CA PHE A 95 -2.82 -4.48 1.22
C PHE A 95 -4.09 -3.76 1.70
N HIS A 96 -4.88 -3.30 0.72
CA HIS A 96 -6.24 -2.86 0.88
C HIS A 96 -7.06 -3.67 -0.10
N TRP A 97 -8.23 -4.14 0.30
CA TRP A 97 -9.01 -5.03 -0.54
C TRP A 97 -10.51 -4.90 -0.32
N GLY A 98 -11.27 -5.54 -1.21
CA GLY A 98 -12.71 -5.38 -1.21
C GLY A 98 -13.45 -6.60 -0.67
N SER A 99 -14.76 -6.43 -0.58
CA SER A 99 -15.67 -7.54 -0.29
C SER A 99 -16.08 -8.33 -1.54
N LEU A 100 -15.81 -7.75 -2.71
CA LEU A 100 -16.21 -8.27 -4.03
C LEU A 100 -15.05 -7.99 -4.97
N ASP A 101 -14.90 -8.77 -6.02
CA ASP A 101 -13.73 -8.65 -6.89
C ASP A 101 -13.69 -7.32 -7.65
N GLY A 102 -14.84 -6.65 -7.79
CA GLY A 102 -14.92 -5.39 -8.52
C GLY A 102 -14.59 -4.13 -7.72
N GLN A 103 -14.12 -4.28 -6.50
CA GLN A 103 -13.70 -3.13 -5.70
C GLN A 103 -12.62 -3.58 -4.72
N GLY A 104 -11.90 -2.61 -4.16
CA GLY A 104 -10.88 -2.89 -3.18
C GLY A 104 -9.65 -2.02 -3.30
N SER A 105 -9.30 -1.61 -4.53
CA SER A 105 -8.14 -0.74 -4.66
C SER A 105 -8.44 0.67 -4.15
N GLU A 106 -7.36 1.36 -3.82
CA GLU A 106 -7.45 2.75 -3.39
CA GLU A 106 -7.35 2.75 -3.36
C GLU A 106 -7.28 3.67 -4.58
N HIS A 107 -6.14 3.60 -5.26
CA HIS A 107 -6.05 4.26 -6.55
C HIS A 107 -7.00 3.58 -7.52
N THR A 108 -7.44 4.37 -8.51
CA THR A 108 -8.21 3.89 -9.64
C THR A 108 -7.55 4.37 -10.93
N VAL A 109 -7.83 3.68 -12.02
CA VAL A 109 -7.21 4.00 -13.30
C VAL A 109 -8.36 4.24 -14.27
N ASP A 110 -8.54 5.49 -14.68
CA ASP A 110 -9.68 5.86 -15.51
C ASP A 110 -10.97 5.33 -14.86
N LYS A 111 -11.05 5.52 -13.55
CA LYS A 111 -12.17 5.16 -12.67
C LYS A 111 -12.28 3.65 -12.39
N LYS A 112 -11.45 2.83 -13.01
CA LYS A 112 -11.47 1.39 -12.72
C LYS A 112 -10.91 1.09 -11.36
N LYS A 113 -11.69 0.32 -10.62
CA LYS A 113 -11.28 -0.24 -9.33
CA LYS A 113 -11.28 -0.24 -9.33
C LYS A 113 -10.78 -1.67 -9.52
N TYR A 114 -9.64 -1.97 -8.93
CA TYR A 114 -9.11 -3.32 -8.90
C TYR A 114 -9.56 -4.04 -7.62
N ALA A 115 -9.35 -5.35 -7.57
CA ALA A 115 -9.77 -6.15 -6.41
C ALA A 115 -9.02 -5.83 -5.13
N ALA A 116 -7.79 -5.35 -5.28
CA ALA A 116 -6.96 -5.01 -4.12
C ALA A 116 -5.78 -4.17 -4.59
N GLU A 117 -5.04 -3.66 -3.61
CA GLU A 117 -3.86 -2.85 -3.88
C GLU A 117 -2.82 -3.12 -2.78
N LEU A 118 -1.61 -3.44 -3.21
CA LEU A 118 -0.46 -3.66 -2.37
C LEU A 118 0.30 -2.34 -2.22
N HIS A 119 0.69 -2.02 -0.99
CA HIS A 119 1.51 -0.86 -0.65
C HIS A 119 2.82 -1.33 -0.02
N LEU A 120 3.92 -1.15 -0.73
CA LEU A 120 5.28 -1.40 -0.23
C LEU A 120 5.81 -0.05 0.25
N VAL A 121 6.03 0.06 1.55
CA VAL A 121 6.29 1.34 2.21
C VAL A 121 7.77 1.49 2.51
N HIS A 122 8.36 2.60 2.05
CA HIS A 122 9.79 2.85 2.19
C HIS A 122 9.99 4.24 2.77
N TRP A 123 11.01 4.44 3.61
CA TRP A 123 11.30 5.77 4.16
C TRP A 123 12.67 6.29 3.72
N ASN A 124 12.74 7.61 3.59
CA ASN A 124 13.92 8.28 3.10
C ASN A 124 15.01 8.25 4.16
N THR A 125 16.13 7.63 3.84
CA THR A 125 17.17 7.43 4.86
C THR A 125 17.79 8.72 5.36
N LYS A 126 17.64 9.82 4.61
CA LYS A 126 18.18 11.09 5.10
C LYS A 126 17.53 11.53 6.42
N TYR A 127 16.37 10.96 6.76
CA TYR A 127 15.66 11.37 7.97
C TYR A 127 15.84 10.39 9.14
N GLY A 128 16.67 9.36 8.96
CA GLY A 128 17.16 8.59 10.09
C GLY A 128 16.27 7.47 10.61
N ASP A 129 14.97 7.74 10.69
CA ASP A 129 14.02 6.67 10.98
CA ASP A 129 14.00 6.71 11.08
C ASP A 129 12.63 7.02 10.45
N PHE A 130 11.75 6.02 10.45
CA PHE A 130 10.41 6.16 9.90
C PHE A 130 9.63 7.30 10.58
N GLY A 131 9.68 7.36 11.91
CA GLY A 131 8.90 8.36 12.63
C GLY A 131 9.23 9.79 12.27
N LYS A 132 10.51 10.04 12.03
CA LYS A 132 10.94 11.36 11.59
CA LYS A 132 10.95 11.36 11.59
CA LYS A 132 10.96 11.36 11.57
C LYS A 132 10.59 11.56 10.11
N ALA A 133 10.73 10.52 9.30
CA ALA A 133 10.44 10.62 7.86
C ALA A 133 8.99 11.02 7.60
N VAL A 134 8.02 10.51 8.37
CA VAL A 134 6.62 10.82 8.08
C VAL A 134 6.25 12.28 8.36
N GLN A 135 7.16 13.00 9.01
CA GLN A 135 6.96 14.44 9.26
C GLN A 135 7.51 15.32 8.13
N GLN A 136 7.97 14.70 7.04
CA GLN A 136 8.58 15.43 5.94
C GLN A 136 7.82 15.21 4.63
N PRO A 137 7.76 16.24 3.77
CA PRO A 137 6.97 16.12 2.54
CA PRO A 137 6.97 16.09 2.54
C PRO A 137 7.53 15.05 1.58
N ASP A 138 8.81 14.74 1.69
CA ASP A 138 9.44 13.71 0.87
C ASP A 138 9.95 12.57 1.77
N GLY A 139 9.22 12.26 2.83
CA GLY A 139 9.69 11.27 3.78
C GLY A 139 9.48 9.81 3.37
N LEU A 140 8.41 9.51 2.63
CA LEU A 140 8.09 8.14 2.27
C LEU A 140 8.00 8.02 0.75
N ALA A 141 8.29 6.81 0.27
CA ALA A 141 7.96 6.42 -1.10
C ALA A 141 7.17 5.13 -0.97
N VAL A 142 5.95 5.14 -1.51
CA VAL A 142 5.11 3.95 -1.47
C VAL A 142 4.93 3.45 -2.88
N LEU A 143 5.32 2.19 -3.09
CA LEU A 143 5.14 1.50 -4.34
C LEU A 143 3.79 0.81 -4.27
N GLY A 144 2.85 1.24 -5.12
CA GLY A 144 1.50 0.69 -5.18
C GLY A 144 1.35 -0.24 -6.37
N ILE A 145 0.78 -1.41 -6.10
CA ILE A 145 0.64 -2.43 -7.13
C ILE A 145 -0.80 -2.97 -7.06
N PHE A 146 -1.50 -2.93 -8.18
CA PHE A 146 -2.87 -3.40 -8.25
C PHE A 146 -2.92 -4.92 -8.31
N LEU A 147 -3.95 -5.49 -7.72
CA LEU A 147 -4.26 -6.91 -7.82
C LEU A 147 -5.57 -7.09 -8.56
N LYS A 148 -5.55 -7.96 -9.57
CA LYS A 148 -6.76 -8.44 -10.22
C LYS A 148 -6.91 -9.93 -9.98
N VAL A 149 -8.14 -10.40 -10.01
CA VAL A 149 -8.41 -11.83 -9.84
C VAL A 149 -8.29 -12.54 -11.17
N GLY A 150 -7.44 -13.56 -11.19
CA GLY A 150 -7.24 -14.41 -12.34
C GLY A 150 -6.44 -15.62 -11.87
N SER A 151 -5.25 -15.79 -12.46
CA SER A 151 -4.32 -16.84 -12.08
CA SER A 151 -4.37 -16.86 -12.06
CA SER A 151 -4.37 -16.87 -12.05
C SER A 151 -3.72 -16.58 -10.70
N ALA A 152 -3.38 -17.64 -9.97
CA ALA A 152 -2.73 -17.51 -8.66
C ALA A 152 -1.35 -16.89 -8.77
N LYS A 153 -0.94 -16.15 -7.74
CA LYS A 153 0.40 -15.57 -7.63
C LYS A 153 1.19 -16.41 -6.64
N PRO A 154 2.15 -17.21 -7.13
CA PRO A 154 2.86 -18.11 -6.21
C PRO A 154 3.54 -17.35 -5.08
N GLY A 155 4.10 -16.17 -5.38
CA GLY A 155 4.81 -15.40 -4.39
C GLY A 155 3.95 -14.79 -3.31
N LEU A 156 2.63 -14.89 -3.44
CA LEU A 156 1.70 -14.43 -2.41
C LEU A 156 1.27 -15.54 -1.48
N GLN A 157 1.46 -16.78 -1.89
CA GLN A 157 0.85 -17.90 -1.17
C GLN A 157 1.36 -18.03 0.27
N LYS A 158 2.64 -17.77 0.53
CA LYS A 158 3.13 -17.83 1.90
C LYS A 158 2.42 -16.82 2.82
N VAL A 159 2.07 -15.66 2.28
CA VAL A 159 1.28 -14.70 3.04
C VAL A 159 -0.12 -15.26 3.33
N VAL A 160 -0.81 -15.72 2.29
CA VAL A 160 -2.15 -16.29 2.44
C VAL A 160 -2.19 -17.35 3.52
N ASP A 161 -1.19 -18.21 3.52
CA ASP A 161 -1.21 -19.37 4.39
C ASP A 161 -0.95 -19.06 5.86
N VAL A 162 -0.43 -17.88 6.19
CA VAL A 162 -0.22 -17.51 7.60
C VAL A 162 -1.41 -16.73 8.17
N LEU A 163 -2.36 -16.30 7.33
CA LEU A 163 -3.41 -15.40 7.79
C LEU A 163 -4.30 -16.02 8.87
N ASP A 164 -4.48 -17.34 8.84
CA ASP A 164 -5.26 -18.03 9.87
C ASP A 164 -4.69 -17.85 11.26
N SER A 165 -3.41 -17.53 11.34
CA SER A 165 -2.76 -17.35 12.64
C SER A 165 -2.79 -15.93 13.18
N ILE A 166 -3.29 -15.00 12.37
CA ILE A 166 -3.45 -13.60 12.77
C ILE A 166 -4.85 -13.08 12.45
N LYS A 167 -5.85 -13.88 12.78
CA LYS A 167 -7.21 -13.59 12.36
C LYS A 167 -7.72 -12.26 12.90
N THR A 168 -7.38 -11.95 14.15
CA THR A 168 -7.98 -10.83 14.84
C THR A 168 -6.96 -9.77 15.21
N LYS A 169 -7.50 -8.58 15.45
CA LYS A 169 -6.72 -7.40 15.78
CA LYS A 169 -6.70 -7.41 15.77
C LYS A 169 -5.76 -7.65 16.93
N GLY A 170 -4.49 -7.28 16.74
CA GLY A 170 -3.48 -7.41 17.78
C GLY A 170 -2.66 -8.68 17.69
N LYS A 171 -3.07 -9.62 16.86
CA LYS A 171 -2.33 -10.87 16.70
CA LYS A 171 -2.31 -10.86 16.73
C LYS A 171 -1.16 -10.69 15.74
N SER A 172 -0.02 -11.25 16.11
CA SER A 172 1.13 -11.28 15.23
C SER A 172 1.71 -12.69 15.14
N ALA A 173 2.53 -12.93 14.12
CA ALA A 173 3.22 -14.20 13.98
C ALA A 173 4.58 -13.99 13.34
N ASP A 174 5.49 -14.92 13.57
CA ASP A 174 6.77 -14.90 12.88
CA ASP A 174 6.79 -14.87 12.90
C ASP A 174 6.56 -14.95 11.39
N PHE A 175 7.37 -14.22 10.65
CA PHE A 175 7.24 -14.23 9.20
C PHE A 175 8.59 -13.92 8.59
N THR A 176 9.55 -14.80 8.85
CA THR A 176 10.91 -14.63 8.37
C THR A 176 11.06 -15.23 6.97
N ASN A 177 12.11 -14.76 6.29
CA ASN A 177 12.53 -15.33 5.01
C ASN A 177 11.50 -15.19 3.90
N PHE A 178 10.70 -14.13 3.94
CA PHE A 178 9.78 -13.87 2.84
C PHE A 178 10.43 -12.92 1.84
N ASP A 179 10.28 -13.25 0.57
CA ASP A 179 10.93 -12.49 -0.50
C ASP A 179 9.89 -11.61 -1.22
N PRO A 180 9.89 -10.30 -0.97
CA PRO A 180 8.87 -9.44 -1.59
C PRO A 180 9.03 -9.29 -3.10
N ARG A 181 10.13 -9.75 -3.69
CA ARG A 181 10.24 -9.74 -5.14
C ARG A 181 9.16 -10.58 -5.82
N GLY A 182 8.62 -11.56 -5.10
CA GLY A 182 7.58 -12.38 -5.64
C GLY A 182 6.22 -11.72 -5.75
N LEU A 183 6.12 -10.47 -5.32
CA LEU A 183 4.86 -9.73 -5.44
C LEU A 183 4.87 -8.70 -6.59
N LEU A 184 5.95 -8.61 -7.34
CA LEU A 184 6.09 -7.59 -8.37
C LEU A 184 5.63 -8.12 -9.73
N PRO A 185 5.01 -7.25 -10.56
CA PRO A 185 4.74 -7.62 -11.94
C PRO A 185 6.01 -7.57 -12.78
N GLU A 186 5.92 -7.96 -14.05
CA GLU A 186 7.08 -7.97 -14.95
CA GLU A 186 7.06 -7.97 -14.96
C GLU A 186 7.60 -6.57 -15.21
N SER A 187 6.69 -5.64 -15.52
CA SER A 187 7.06 -4.27 -15.84
C SER A 187 7.05 -3.34 -14.66
N LEU A 188 8.02 -2.44 -14.59
CA LEU A 188 8.07 -1.35 -13.61
C LEU A 188 7.56 0.00 -14.17
N ASP A 189 6.88 0.00 -15.31
CA ASP A 189 6.23 1.23 -15.76
C ASP A 189 5.32 1.76 -14.66
N TYR A 190 5.29 3.08 -14.47
CA TYR A 190 4.57 3.64 -13.33
C TYR A 190 4.05 5.05 -13.59
N TRP A 191 3.11 5.43 -12.74
CA TRP A 191 2.67 6.81 -12.56
C TRP A 191 3.17 7.29 -11.21
N THR A 192 3.46 8.58 -11.10
CA THR A 192 3.91 9.13 -9.83
C THR A 192 3.29 10.49 -9.57
N TYR A 193 2.99 10.77 -8.29
CA TYR A 193 2.44 12.04 -7.87
C TYR A 193 2.68 12.19 -6.35
N PRO A 194 2.64 13.42 -5.83
CA PRO A 194 2.82 13.63 -4.40
C PRO A 194 1.50 13.49 -3.65
N GLY A 195 1.49 12.69 -2.59
CA GLY A 195 0.28 12.47 -1.82
C GLY A 195 0.51 12.14 -0.37
N SER A 196 -0.34 11.26 0.15
CA SER A 196 -0.47 11.05 1.58
C SER A 196 -0.62 9.56 1.91
N LEU A 197 -0.55 9.23 3.20
CA LEU A 197 -1.08 7.95 3.69
C LEU A 197 -2.57 7.90 3.34
N THR A 198 -3.07 6.70 3.08
CA THR A 198 -4.49 6.56 2.78
C THR A 198 -5.30 6.17 4.00
N THR A 199 -4.66 6.09 5.16
CA THR A 199 -5.31 5.85 6.45
C THR A 199 -4.88 6.96 7.40
N PRO A 200 -5.71 7.24 8.41
CA PRO A 200 -5.24 8.12 9.50
C PRO A 200 -3.87 7.65 9.96
N PRO A 201 -2.94 8.58 10.22
CA PRO A 201 -3.12 10.04 10.34
C PRO A 201 -3.10 10.85 9.01
N LEU A 202 -3.10 10.18 7.86
CA LEU A 202 -3.30 10.82 6.55
CA LEU A 202 -3.32 10.87 6.57
C LEU A 202 -2.19 11.83 6.23
N LEU A 203 -1.00 11.57 6.76
CA LEU A 203 0.10 12.52 6.64
C LEU A 203 0.53 12.69 5.18
N GLU A 204 0.82 13.94 4.81
CA GLU A 204 1.16 14.33 3.45
C GLU A 204 2.66 14.22 3.21
N CYS A 205 3.16 12.99 3.25
CA CYS A 205 4.59 12.69 3.29
C CYS A 205 5.01 11.69 2.22
N VAL A 206 4.12 11.38 1.28
CA VAL A 206 4.36 10.26 0.37
C VAL A 206 4.61 10.67 -1.09
N THR A 207 5.71 10.21 -1.67
CA THR A 207 5.83 10.13 -3.12
C THR A 207 5.24 8.78 -3.56
N TRP A 208 4.10 8.85 -4.24
CA TRP A 208 3.45 7.66 -4.73
C TRP A 208 4.07 7.21 -6.03
N ILE A 209 4.32 5.92 -6.17
CA ILE A 209 4.79 5.31 -7.40
C ILE A 209 3.85 4.14 -7.63
N VAL A 210 2.93 4.28 -8.57
CA VAL A 210 1.87 3.28 -8.78
C VAL A 210 2.16 2.58 -10.09
N LEU A 211 2.38 1.26 -10.02
CA LEU A 211 2.70 0.52 -11.22
C LEU A 211 1.52 0.34 -12.13
N LYS A 212 1.78 0.47 -13.43
CA LYS A 212 0.72 0.30 -14.43
CA LYS A 212 0.73 0.29 -14.43
C LYS A 212 0.23 -1.14 -14.53
N GLU A 213 1.14 -2.11 -14.48
CA GLU A 213 0.77 -3.50 -14.68
C GLU A 213 0.29 -4.11 -13.37
N PRO A 214 -0.95 -4.64 -13.33
CA PRO A 214 -1.42 -5.33 -12.12
C PRO A 214 -0.75 -6.69 -12.01
N ILE A 215 -0.76 -7.26 -10.80
CA ILE A 215 -0.47 -8.67 -10.63
C ILE A 215 -1.79 -9.41 -10.58
N SER A 216 -1.77 -10.67 -11.01
CA SER A 216 -2.94 -11.52 -10.91
C SER A 216 -2.81 -12.40 -9.69
N VAL A 217 -3.90 -12.52 -8.93
CA VAL A 217 -3.99 -13.42 -7.79
C VAL A 217 -5.26 -14.25 -7.98
N SER A 218 -5.33 -15.41 -7.35
CA SER A 218 -6.51 -16.25 -7.56
C SER A 218 -7.67 -15.86 -6.64
N SER A 219 -8.85 -16.28 -7.02
CA SER A 219 -10.04 -16.04 -6.21
CA SER A 219 -10.04 -16.06 -6.22
C SER A 219 -9.83 -16.62 -4.82
N GLU A 220 -9.21 -17.79 -4.72
CA GLU A 220 -8.99 -18.42 -3.41
C GLU A 220 -8.04 -17.59 -2.54
N GLN A 221 -7.03 -16.99 -3.17
CA GLN A 221 -6.10 -16.14 -2.45
C GLN A 221 -6.78 -14.92 -1.87
N VAL A 222 -7.58 -14.21 -2.68
CA VAL A 222 -8.22 -13.02 -2.11
CA VAL A 222 -8.24 -13.02 -2.15
C VAL A 222 -9.31 -13.39 -1.11
N LEU A 223 -9.97 -14.53 -1.30
CA LEU A 223 -10.98 -14.96 -0.34
C LEU A 223 -10.36 -15.12 1.05
N LYS A 224 -9.10 -15.56 1.12
CA LYS A 224 -8.45 -15.71 2.40
C LYS A 224 -8.18 -14.37 3.09
N PHE A 225 -7.94 -13.31 2.31
CA PHE A 225 -7.85 -11.97 2.90
C PHE A 225 -9.17 -11.61 3.58
N ARG A 226 -10.30 -11.96 2.95
CA ARG A 226 -11.63 -11.58 3.41
C ARG A 226 -12.09 -12.32 4.65
N LYS A 227 -11.35 -13.34 5.07
CA LYS A 227 -11.67 -14.06 6.30
C LYS A 227 -11.04 -13.45 7.54
N LEU A 228 -10.16 -12.47 7.35
CA LEU A 228 -9.58 -11.73 8.47
C LEU A 228 -10.68 -10.95 9.20
N ASN A 229 -10.38 -10.50 10.42
CA ASN A 229 -11.31 -9.75 11.23
C ASN A 229 -10.76 -8.37 11.61
N PHE A 230 -11.62 -7.36 11.58
CA PHE A 230 -11.29 -6.04 12.11
C PHE A 230 -11.24 -6.07 13.65
N ASN A 231 -12.09 -6.90 14.26
CA ASN A 231 -12.22 -6.98 15.71
C ASN A 231 -11.10 -7.77 16.37
N GLY A 232 -10.96 -7.56 17.67
CA GLY A 232 -10.10 -8.42 18.47
C GLY A 232 -10.80 -9.73 18.85
N GLU A 233 -10.02 -10.69 19.32
CA GLU A 233 -10.56 -11.96 19.79
C GLU A 233 -11.51 -11.70 20.96
N GLY A 234 -12.62 -12.43 21.00
CA GLY A 234 -13.56 -12.28 22.09
C GLY A 234 -14.47 -11.09 21.94
N GLU A 235 -14.54 -10.54 20.72
CA GLU A 235 -15.44 -9.44 20.37
C GLU A 235 -16.32 -9.88 19.20
N PRO A 236 -17.46 -9.21 18.98
CA PRO A 236 -18.29 -9.56 17.81
C PRO A 236 -17.48 -9.50 16.53
N GLU A 237 -17.66 -10.51 15.70
CA GLU A 237 -16.89 -10.66 14.47
C GLU A 237 -17.35 -9.70 13.39
N GLU A 238 -16.41 -8.94 12.85
CA GLU A 238 -16.65 -8.08 11.70
CA GLU A 238 -16.66 -8.09 11.70
C GLU A 238 -15.54 -8.34 10.70
N LEU A 239 -15.90 -8.89 9.55
CA LEU A 239 -14.89 -9.25 8.55
C LEU A 239 -14.11 -8.04 8.07
N MET A 240 -12.81 -8.23 7.94
CA MET A 240 -11.90 -7.21 7.40
C MET A 240 -12.00 -7.23 5.87
N VAL A 241 -12.93 -6.40 5.38
CA VAL A 241 -13.16 -6.22 3.95
C VAL A 241 -13.45 -4.74 3.70
N ASP A 242 -13.20 -4.29 2.48
CA ASP A 242 -13.45 -2.88 2.09
C ASP A 242 -12.71 -1.92 3.01
N ASN A 243 -11.42 -2.24 3.24
CA ASN A 243 -10.53 -1.38 3.99
C ASN A 243 -9.75 -0.45 3.06
N TRP A 244 -10.52 0.25 2.23
CA TRP A 244 -9.99 1.20 1.26
C TRP A 244 -10.70 2.55 1.43
N ARG A 245 -9.96 3.60 1.11
CA ARG A 245 -10.46 4.97 1.07
C ARG A 245 -10.76 5.30 -0.37
N PRO A 246 -11.87 6.00 -0.64
CA PRO A 246 -12.13 6.37 -2.02
C PRO A 246 -11.21 7.49 -2.52
N ALA A 247 -11.26 7.69 -3.82
CA ALA A 247 -10.41 8.69 -4.45
C ALA A 247 -10.75 10.10 -3.96
N GLN A 248 -9.69 10.89 -3.78
CA GLN A 248 -9.76 12.25 -3.25
C GLN A 248 -9.43 13.26 -4.33
N PRO A 249 -9.78 14.52 -4.11
CA PRO A 249 -9.57 15.54 -5.13
C PRO A 249 -8.09 15.72 -5.50
N LEU A 250 -7.79 15.78 -6.79
CA LEU A 250 -6.41 15.94 -7.24
C LEU A 250 -5.86 17.31 -6.90
N LYS A 251 -6.73 18.30 -6.91
CA LYS A 251 -6.34 19.66 -6.62
C LYS A 251 -5.20 20.09 -7.52
N ASN A 252 -4.19 20.77 -6.98
CA ASN A 252 -3.17 21.36 -7.83
C ASN A 252 -1.99 20.40 -7.92
N ARG A 253 -2.26 19.19 -8.43
CA ARG A 253 -1.24 18.19 -8.66
C ARG A 253 -1.28 17.66 -10.08
N GLN A 254 -0.12 17.22 -10.53
CA GLN A 254 0.00 16.54 -11.80
C GLN A 254 0.54 15.15 -11.56
N ILE A 255 -0.01 14.22 -12.30
CA ILE A 255 0.45 12.85 -12.31
C ILE A 255 1.38 12.68 -13.52
N LYS A 256 2.57 12.16 -13.26
CA LYS A 256 3.55 11.94 -14.32
C LYS A 256 3.65 10.46 -14.63
N ALA A 257 3.85 10.13 -15.91
CA ALA A 257 4.04 8.75 -16.34
C ALA A 257 5.52 8.51 -16.71
N SER A 258 6.01 7.30 -16.42
CA SER A 258 7.38 6.92 -16.75
C SER A 258 7.49 6.37 -18.16
N PHE A 259 6.35 6.21 -18.83
CA PHE A 259 6.26 5.47 -20.08
C PHE A 259 5.38 6.23 -21.07
N LYS A 260 5.65 5.98 -22.35
CA LYS A 260 4.81 6.42 -23.46
C LYS A 260 3.87 5.26 -23.72
#